data_6FAK
#
_entry.id   6FAK
#
_cell.length_a   109.773
_cell.length_b   113.325
_cell.length_c   48.796
_cell.angle_alpha   90.00
_cell.angle_beta   90.00
_cell.angle_gamma   90.00
#
_symmetry.space_group_name_H-M   'P 21 21 2'
#
loop_
_entity.id
_entity.type
_entity.pdbx_description
1 polymer Afamin
2 branched 2-acetamido-2-deoxy-beta-D-glucopyranose-(1-4)-2-acetamido-2-deoxy-beta-D-glucopyranose
3 non-polymer 2-acetamido-2-deoxy-beta-D-glucopyranose
4 non-polymer 'CHLORIDE ION'
5 non-polymer 'SODIUM ION'
6 non-polymer 'ACETATE ION'
7 non-polymer 'HEXAETHYLENE GLYCOL'
8 non-polymer 'TETRAETHYLENE GLYCOL'
9 non-polymer 'TRIETHYLENE GLYCOL'
10 non-polymer DI(HYDROXYETHYL)ETHER
11 non-polymer 1-(2-METHOXY-ETHOXY)-2-{2-[2-(2-METHOXY-ETHOXY]-ETHOXY}-ETHANE
12 non-polymer 1,2-ETHANEDIOL
13 water water
#
_entity_poly.entity_id   1
_entity_poly.type   'polypeptide(L)'
_entity_poly.pdbx_seq_one_letter_code
;LPTQPRDIENFNSTQKFIEDNIEYITIIAFAQYVQEATFEEMEKLVKDMVEYKDRCMADKTLPECSKLPNNVLQEKICAM
EGLPQKHNFSHCCSKVDAQRRLCFFYNKKSDVGFLPPFPTLDPEEKCQAYESNRESLLNHFLYEVARRNPFVFAPTLLTV
AVHFEEVAKSCCEEQNKVNCLQTRAIPVTQYLKAFSSYQKHVCGALLKFGTKVVHFIYIAILSQKFPKIEFKELISLVED
VSSNYDGCCEGDVVQCIRDTSKVMNHICSKQDSISSKIKECCEKKIPERGQCIINSNKDDRPKDLSLREGKFTDSENVCQ
ERDADPDTFFAKFTFEYSRRHPDLSIPELLRIVQIYKDLLRNCCNTENPPGCYRYAEDKFNETTEKSLKMVQQECKHFQN
LGKDGLKYHYLIRLTKIAPQLSTEELVSLGEKMVTAFTTCCTLSEEFACVDNLADLVFGELCGVNENRTINPAVDHCCKT
NFAFRRPCFESLKADKTYVPPPFSQDLFTFHADMCQSQNEELQRKTDRFLVNLVKLKHELTDEELQSLFTNFANVVDKCC
KAESPEVCFNEESPKIGNKGENLYFQ
;
_entity_poly.pdbx_strand_id   A
#
# COMPACT_ATOMS: atom_id res chain seq x y z
N ASN A 12 -30.90 3.33 7.96
CA ASN A 12 -30.31 2.02 8.41
C ASN A 12 -29.10 2.18 9.36
N SER A 13 -28.51 1.05 9.77
CA SER A 13 -27.35 1.01 10.67
C SER A 13 -26.14 1.79 10.14
N THR A 14 -25.87 1.64 8.84
CA THR A 14 -24.80 2.39 8.17
C THR A 14 -25.02 3.91 8.24
N GLN A 15 -26.23 4.37 7.90
CA GLN A 15 -26.60 5.79 7.99
C GLN A 15 -26.50 6.29 9.43
N LYS A 16 -26.83 5.42 10.39
CA LYS A 16 -26.68 5.78 11.78
C LYS A 16 -25.23 5.89 12.15
N PHE A 17 -24.42 4.89 11.78
CA PHE A 17 -22.98 4.96 12.02
C PHE A 17 -22.37 6.29 11.47
N ILE A 18 -22.74 6.66 10.24
CA ILE A 18 -22.21 7.88 9.60
C ILE A 18 -22.65 9.16 10.30
N GLU A 19 -23.94 9.25 10.60
CA GLU A 19 -24.50 10.39 11.36
C GLU A 19 -23.80 10.53 12.71
N ASP A 20 -23.71 9.43 13.43
CA ASP A 20 -23.00 9.36 14.71
C ASP A 20 -21.54 9.78 14.65
N ASN A 21 -20.82 9.35 13.60
CA ASN A 21 -19.36 9.61 13.48
C ASN A 21 -18.98 10.77 12.53
N ILE A 22 -19.93 11.65 12.24
CA ILE A 22 -19.81 12.72 11.27
C ILE A 22 -18.61 13.66 11.52
N GLU A 23 -18.28 13.88 12.78
CA GLU A 23 -17.15 14.70 13.18
C GLU A 23 -15.85 14.02 12.72
N TYR A 24 -15.69 12.76 13.07
CA TYR A 24 -14.52 11.98 12.71
C TYR A 24 -14.32 11.82 11.18
N ILE A 25 -15.41 11.50 10.52
CA ILE A 25 -15.51 11.37 9.06
C ILE A 25 -15.09 12.66 8.35
N THR A 26 -15.57 13.79 8.83
CA THR A 26 -15.27 15.06 8.21
C THR A 26 -13.76 15.43 8.30
N ILE A 27 -13.21 15.21 9.48
CA ILE A 27 -11.78 15.42 9.76
C ILE A 27 -10.93 14.58 8.81
N ILE A 28 -11.30 13.29 8.69
CA ILE A 28 -10.53 12.39 7.82
C ILE A 28 -10.56 12.95 6.37
N ALA A 29 -11.75 13.26 5.87
CA ALA A 29 -11.88 13.76 4.46
C ALA A 29 -11.05 15.05 4.23
N PHE A 30 -11.26 16.02 5.12
CA PHE A 30 -10.66 17.32 5.01
C PHE A 30 -9.13 17.23 5.10
N ALA A 31 -8.67 16.46 6.08
CA ALA A 31 -7.23 16.26 6.32
C ALA A 31 -6.53 15.56 5.18
N GLN A 32 -7.22 14.60 4.54
CA GLN A 32 -6.62 13.90 3.39
C GLN A 32 -6.59 14.78 2.12
N TYR A 33 -7.69 15.48 1.84
CA TYR A 33 -7.74 16.36 0.69
C TYR A 33 -6.85 17.59 0.79
N VAL A 34 -6.75 18.16 1.99
CA VAL A 34 -6.07 19.46 2.21
C VAL A 34 -5.13 19.23 3.39
N GLN A 35 -4.02 18.61 3.07
CA GLN A 35 -3.11 18.10 4.07
C GLN A 35 -2.37 19.21 4.81
N GLU A 36 -2.38 20.42 4.25
CA GLU A 36 -1.82 21.64 4.89
C GLU A 36 -2.78 22.31 5.85
N ALA A 37 -4.07 21.97 5.80
CA ALA A 37 -5.05 22.60 6.69
C ALA A 37 -4.75 22.35 8.18
N THR A 38 -4.99 23.39 8.99
CA THR A 38 -4.73 23.39 10.41
C THR A 38 -5.90 22.74 11.12
N PHE A 39 -5.69 22.38 12.37
CA PHE A 39 -6.75 21.80 13.20
C PHE A 39 -7.92 22.75 13.48
N GLU A 40 -7.64 24.04 13.63
CA GLU A 40 -8.70 25.04 13.75
C GLU A 40 -9.60 25.06 12.53
N GLU A 41 -8.98 24.94 11.35
CA GLU A 41 -9.75 24.87 10.11
C GLU A 41 -10.67 23.64 10.08
N MET A 42 -10.20 22.51 10.59
CA MET A 42 -11.00 21.28 10.65
C MET A 42 -12.34 21.51 11.38
N GLU A 43 -12.25 22.15 12.55
CA GLU A 43 -13.38 22.45 13.43
C GLU A 43 -14.48 23.24 12.73
N LYS A 44 -14.11 24.21 11.89
CA LYS A 44 -15.07 24.98 11.14
C LYS A 44 -15.82 24.14 10.11
N LEU A 45 -15.12 23.23 9.41
CA LEU A 45 -15.84 22.29 8.51
C LEU A 45 -16.76 21.34 9.30
N VAL A 46 -16.28 20.84 10.44
CA VAL A 46 -17.12 19.97 11.28
C VAL A 46 -18.50 20.62 11.51
N LYS A 47 -18.50 21.89 11.92
CA LYS A 47 -19.76 22.62 12.22
C LYS A 47 -20.65 22.67 10.96
N ASP A 48 -20.07 22.98 9.81
CA ASP A 48 -20.81 22.96 8.53
C ASP A 48 -21.46 21.62 8.17
N MET A 49 -20.76 20.52 8.38
CA MET A 49 -21.32 19.19 8.05
C MET A 49 -22.35 18.67 9.08
N VAL A 50 -22.14 18.94 10.37
CA VAL A 50 -23.14 18.70 11.37
C VAL A 50 -24.43 19.43 10.96
N GLU A 51 -24.33 20.72 10.66
CA GLU A 51 -25.50 21.50 10.25
C GLU A 51 -26.19 20.89 9.01
N TYR A 52 -25.42 20.49 8.01
CA TYR A 52 -25.99 19.87 6.78
C TYR A 52 -26.73 18.57 7.10
N LYS A 53 -26.11 17.76 7.96
CA LYS A 53 -26.71 16.54 8.50
C LYS A 53 -28.05 16.81 9.21
N ASP A 54 -28.10 17.83 10.08
CA ASP A 54 -29.36 18.23 10.78
C ASP A 54 -30.44 18.69 9.80
N ARG A 55 -30.02 19.49 8.80
CA ARG A 55 -30.93 20.04 7.78
C ARG A 55 -31.58 18.95 6.92
N CYS A 56 -30.77 17.99 6.50
CA CYS A 56 -31.30 16.88 5.73
C CYS A 56 -32.25 15.98 6.53
N MET A 57 -32.00 15.87 7.84
CA MET A 57 -32.96 15.22 8.76
C MET A 57 -34.28 15.99 8.90
N ALA A 58 -34.22 17.31 8.94
CA ALA A 58 -35.43 18.14 8.95
C ALA A 58 -36.20 18.08 7.62
N ASP A 59 -35.48 17.86 6.52
CA ASP A 59 -36.08 17.92 5.17
C ASP A 59 -35.33 17.01 4.18
N LYS A 60 -35.71 15.74 4.12
CA LYS A 60 -35.07 14.71 3.26
C LYS A 60 -35.12 15.03 1.75
N THR A 61 -36.20 15.67 1.32
CA THR A 61 -36.46 15.92 -0.10
C THR A 61 -35.78 17.18 -0.66
N LEU A 62 -35.15 17.97 0.23
CA LEU A 62 -34.36 19.14 -0.20
C LEU A 62 -33.26 18.70 -1.18
N PRO A 63 -32.88 19.57 -2.16
CA PRO A 63 -32.03 19.12 -3.29
C PRO A 63 -30.69 18.51 -2.86
N GLU A 64 -29.93 19.27 -2.07
CA GLU A 64 -28.60 18.86 -1.64
C GLU A 64 -28.55 17.57 -0.81
N CYS A 65 -29.71 17.11 -0.31
CA CYS A 65 -29.74 15.88 0.52
C CYS A 65 -29.65 14.59 -0.27
N SER A 66 -29.73 14.65 -1.60
CA SER A 66 -29.47 13.48 -2.46
C SER A 66 -28.22 13.65 -3.36
N LYS A 67 -27.46 14.73 -3.18
CA LYS A 67 -26.18 14.95 -3.91
C LYS A 67 -25.12 13.92 -3.51
N LEU A 68 -24.11 13.76 -4.36
CA LEU A 68 -22.95 12.92 -4.02
C LEU A 68 -22.29 13.52 -2.74
N PRO A 69 -21.85 12.64 -1.81
CA PRO A 69 -21.34 13.17 -0.52
C PRO A 69 -20.14 14.08 -0.68
N ASN A 70 -19.24 13.67 -1.54
CA ASN A 70 -18.06 14.44 -1.85
C ASN A 70 -18.37 15.81 -2.43
N ASN A 71 -19.39 15.88 -3.29
CA ASN A 71 -19.80 17.17 -3.85
C ASN A 71 -20.26 18.13 -2.75
N VAL A 72 -20.90 17.60 -1.70
CA VAL A 72 -21.29 18.42 -0.54
C VAL A 72 -20.09 18.91 0.25
N LEU A 73 -19.21 17.97 0.64
CA LEU A 73 -18.00 18.27 1.41
C LEU A 73 -17.10 19.26 0.71
N GLN A 74 -16.88 19.04 -0.59
CA GLN A 74 -15.99 19.89 -1.38
C GLN A 74 -16.59 21.28 -1.58
N GLU A 75 -17.92 21.36 -1.72
CA GLU A 75 -18.58 22.66 -1.74
C GLU A 75 -18.31 23.44 -0.45
N LYS A 76 -18.46 22.78 0.70
CA LYS A 76 -18.24 23.44 1.99
C LYS A 76 -16.80 23.86 2.22
N ILE A 77 -15.85 23.03 1.81
CA ILE A 77 -14.43 23.40 1.89
C ILE A 77 -14.14 24.63 1.01
N CYS A 78 -14.65 24.60 -0.22
CA CYS A 78 -14.42 25.68 -1.20
C CYS A 78 -15.09 27.02 -0.79
N ALA A 79 -16.15 26.92 0.04
CA ALA A 79 -16.86 28.08 0.58
C ALA A 79 -16.21 28.80 1.76
N MET A 80 -15.10 28.28 2.27
CA MET A 80 -14.41 28.86 3.43
C MET A 80 -13.47 29.97 3.00
N GLU A 81 -13.69 31.17 3.56
CA GLU A 81 -13.11 32.39 2.99
C GLU A 81 -11.61 32.36 3.05
N GLY A 82 -10.99 32.55 1.88
CA GLY A 82 -9.53 32.57 1.78
C GLY A 82 -8.79 31.24 1.86
N LEU A 83 -9.51 30.14 2.14
CA LEU A 83 -8.90 28.83 2.34
C LEU A 83 -8.33 28.22 1.05
N PRO A 84 -9.08 28.25 -0.07
CA PRO A 84 -8.51 27.69 -1.32
C PRO A 84 -7.21 28.39 -1.73
N GLN A 85 -7.21 29.70 -1.59
CA GLN A 85 -6.03 30.51 -1.91
C GLN A 85 -4.90 30.27 -0.88
N LYS A 86 -5.24 30.14 0.40
CA LYS A 86 -4.24 29.91 1.42
C LYS A 86 -3.47 28.57 1.20
N HIS A 87 -4.19 27.51 0.82
CA HIS A 87 -3.59 26.18 0.65
C HIS A 87 -3.45 25.74 -0.79
N ASN A 88 -3.49 26.72 -1.69
CA ASN A 88 -3.17 26.48 -3.10
C ASN A 88 -4.08 25.41 -3.73
N PHE A 89 -5.38 25.50 -3.47
CA PHE A 89 -6.31 24.60 -4.20
C PHE A 89 -7.46 25.37 -4.87
N SER A 90 -7.25 26.68 -5.09
CA SER A 90 -8.26 27.52 -5.75
C SER A 90 -8.63 27.01 -7.14
N HIS A 91 -7.64 26.44 -7.84
CA HIS A 91 -7.89 25.85 -9.15
C HIS A 91 -8.94 24.69 -9.09
N CYS A 92 -8.98 23.94 -7.99
CA CYS A 92 -10.07 22.94 -7.78
C CYS A 92 -11.46 23.57 -7.57
N CYS A 93 -11.51 24.67 -6.85
CA CYS A 93 -12.76 25.32 -6.57
C CYS A 93 -13.32 26.09 -7.76
N SER A 94 -12.46 26.46 -8.72
CA SER A 94 -12.87 27.07 -9.99
C SER A 94 -13.53 26.08 -10.97
N LYS A 95 -13.48 24.77 -10.65
CA LYS A 95 -14.22 23.72 -11.37
C LYS A 95 -15.38 23.31 -10.51
N VAL A 96 -16.30 22.56 -11.10
CA VAL A 96 -17.46 22.05 -10.38
C VAL A 96 -17.62 20.54 -10.62
N ASP A 97 -18.37 19.90 -9.72
CA ASP A 97 -18.80 18.51 -9.82
C ASP A 97 -17.65 17.58 -10.21
N ALA A 98 -17.79 16.77 -11.28
CA ALA A 98 -16.78 15.73 -11.61
C ALA A 98 -15.35 16.28 -11.78
N GLN A 99 -15.21 17.41 -12.48
CA GLN A 99 -13.90 18.05 -12.68
C GLN A 99 -13.29 18.53 -11.34
N ARG A 100 -14.16 19.02 -10.44
CA ARG A 100 -13.72 19.43 -9.12
C ARG A 100 -13.29 18.21 -8.30
N ARG A 101 -14.07 17.13 -8.35
CA ARG A 101 -13.72 15.86 -7.67
C ARG A 101 -12.35 15.30 -8.10
N LEU A 102 -12.08 15.41 -9.39
CA LEU A 102 -10.86 14.94 -9.96
C LEU A 102 -9.68 15.81 -9.52
N CYS A 103 -9.87 17.12 -9.59
CA CYS A 103 -8.87 18.05 -9.13
C CYS A 103 -8.53 17.81 -7.65
N PHE A 104 -9.53 17.59 -6.80
CA PHE A 104 -9.32 17.33 -5.37
C PHE A 104 -8.49 16.03 -5.13
N PHE A 105 -8.82 15.00 -5.90
CA PHE A 105 -8.05 13.79 -5.92
C PHE A 105 -6.59 13.98 -6.32
N TYR A 106 -6.34 14.73 -7.40
CA TYR A 106 -5.00 15.08 -7.80
C TYR A 106 -4.25 15.98 -6.80
N ASN A 107 -4.95 16.68 -5.94
CA ASN A 107 -4.36 17.54 -4.92
C ASN A 107 -3.67 16.78 -3.78
N LYS A 108 -4.01 15.49 -3.58
CA LYS A 108 -3.36 14.71 -2.50
C LYS A 108 -1.90 14.53 -2.80
N LYS A 109 -1.07 14.64 -1.77
CA LYS A 109 0.38 14.40 -1.89
C LYS A 109 0.79 13.15 -1.14
N SER A 110 1.37 12.20 -1.87
N SER A 110 1.39 12.19 -1.85
CA SER A 110 2.00 11.01 -1.27
CA SER A 110 1.98 11.00 -1.18
C SER A 110 3.18 11.36 -0.38
C SER A 110 3.20 11.35 -0.36
N ASP A 111 3.97 12.35 -0.78
CA ASP A 111 5.21 12.72 -0.04
C ASP A 111 4.77 13.69 1.06
N VAL A 112 4.63 13.20 2.27
CA VAL A 112 4.16 14.02 3.39
C VAL A 112 5.34 14.61 4.20
N GLY A 113 6.51 14.76 3.57
CA GLY A 113 7.73 15.28 4.22
C GLY A 113 7.63 16.77 4.48
N PHE A 114 6.69 17.45 3.83
CA PHE A 114 6.36 18.85 4.18
C PHE A 114 5.71 19.05 5.58
N LEU A 115 5.26 17.96 6.22
CA LEU A 115 4.68 18.02 7.56
C LEU A 115 5.76 17.85 8.63
N PRO A 116 5.56 18.44 9.82
CA PRO A 116 6.49 18.21 10.91
C PRO A 116 6.52 16.76 11.37
N PRO A 117 7.52 16.42 12.18
CA PRO A 117 7.49 15.09 12.79
C PRO A 117 6.18 14.92 13.58
N PHE A 118 5.61 13.74 13.54
CA PHE A 118 4.33 13.50 14.24
C PHE A 118 4.35 14.06 15.68
N PRO A 119 3.36 14.91 16.05
CA PRO A 119 3.47 15.50 17.42
C PRO A 119 3.17 14.49 18.54
N THR A 120 4.21 13.95 19.16
CA THR A 120 4.04 13.02 20.29
C THR A 120 3.77 13.79 21.60
N LEU A 121 2.71 13.44 22.31
CA LEU A 121 2.42 14.00 23.62
C LEU A 121 3.28 13.33 24.68
N ASP A 122 3.55 14.09 25.73
CA ASP A 122 4.08 13.51 26.95
C ASP A 122 3.12 12.42 27.44
N PRO A 123 3.64 11.23 27.79
CA PRO A 123 2.77 10.13 28.22
C PRO A 123 1.81 10.47 29.34
N GLU A 124 2.27 11.24 30.33
N GLU A 124 2.26 11.23 30.34
CA GLU A 124 1.39 11.63 31.44
CA GLU A 124 1.38 11.60 31.44
C GLU A 124 0.29 12.61 31.00
C GLU A 124 0.30 12.61 31.03
N GLU A 125 0.65 13.61 30.21
CA GLU A 125 -0.37 14.52 29.62
C GLU A 125 -1.31 13.81 28.62
N LYS A 126 -0.77 12.91 27.82
CA LYS A 126 -1.60 12.09 26.94
C LYS A 126 -2.67 11.37 27.75
N CYS A 127 -2.25 10.80 28.88
CA CYS A 127 -3.19 10.05 29.72
C CYS A 127 -4.19 10.96 30.39
N GLN A 128 -3.70 12.09 30.92
CA GLN A 128 -4.56 13.14 31.46
C GLN A 128 -5.58 13.60 30.43
N ALA A 129 -5.10 13.85 29.20
CA ALA A 129 -5.96 14.29 28.08
C ALA A 129 -7.00 13.24 27.78
N TYR A 130 -6.59 11.98 27.80
CA TYR A 130 -7.52 10.89 27.58
C TYR A 130 -8.66 10.87 28.62
N GLU A 131 -8.34 11.22 29.87
N GLU A 131 -8.36 11.20 29.88
CA GLU A 131 -9.33 11.32 30.95
CA GLU A 131 -9.38 11.23 30.93
C GLU A 131 -10.29 12.50 30.83
C GLU A 131 -10.16 12.56 30.97
N SER A 132 -9.77 13.73 30.75
N SER A 132 -9.49 13.68 30.72
CA SER A 132 -10.65 14.91 30.81
CA SER A 132 -10.17 14.99 30.73
C SER A 132 -10.86 15.64 29.48
C SER A 132 -10.98 15.24 29.45
N ASN A 133 -10.68 14.94 28.36
N ASN A 133 -10.31 15.24 28.28
CA ASN A 133 -11.01 15.49 27.03
CA ASN A 133 -10.96 15.55 26.98
C ASN A 133 -10.67 14.51 25.91
C ASN A 133 -10.65 14.50 25.90
N ARG A 134 -11.45 13.43 25.88
CA ARG A 134 -11.23 12.28 25.04
C ARG A 134 -11.60 12.53 23.56
N GLU A 135 -12.63 13.34 23.33
CA GLU A 135 -13.10 13.68 21.99
C GLU A 135 -12.02 14.54 21.33
N SER A 136 -11.49 15.53 22.05
CA SER A 136 -10.38 16.34 21.54
C SER A 136 -9.12 15.55 21.17
N LEU A 137 -8.79 14.53 21.96
CA LEU A 137 -7.57 13.76 21.75
C LEU A 137 -7.71 12.91 20.50
N LEU A 138 -8.83 12.22 20.40
CA LEU A 138 -9.08 11.38 19.25
C LEU A 138 -9.24 12.24 17.98
N ASN A 139 -9.89 13.40 18.09
CA ASN A 139 -10.02 14.32 16.96
C ASN A 139 -8.64 14.74 16.43
N HIS A 140 -7.75 15.13 17.34
N HIS A 140 -7.74 15.15 17.33
CA HIS A 140 -6.39 15.53 17.00
CA HIS A 140 -6.39 15.57 16.92
C HIS A 140 -5.56 14.40 16.40
C HIS A 140 -5.54 14.40 16.39
N PHE A 141 -5.63 13.24 17.04
CA PHE A 141 -4.98 12.00 16.52
C PHE A 141 -5.36 11.66 15.06
N LEU A 142 -6.67 11.64 14.80
CA LEU A 142 -7.23 11.34 13.54
C LEU A 142 -6.85 12.37 12.45
N TYR A 143 -6.92 13.66 12.78
CA TYR A 143 -6.32 14.71 11.97
C TYR A 143 -4.86 14.42 11.59
N GLU A 144 -4.03 14.10 12.57
CA GLU A 144 -2.60 13.98 12.36
C GLU A 144 -2.29 12.73 11.55
N VAL A 145 -3.05 11.66 11.80
CA VAL A 145 -2.89 10.42 11.03
C VAL A 145 -3.36 10.57 9.57
N ALA A 146 -4.53 11.16 9.36
CA ALA A 146 -5.12 11.24 8.02
C ALA A 146 -4.33 12.13 7.05
N ARG A 147 -3.83 13.27 7.53
CA ARG A 147 -3.02 14.14 6.67
C ARG A 147 -1.72 13.50 6.27
N ARG A 148 -1.23 12.57 7.09
CA ARG A 148 0.00 11.82 6.76
C ARG A 148 -0.25 10.53 5.98
N ASN A 149 -1.52 10.15 5.83
CA ASN A 149 -1.92 8.89 5.17
C ASN A 149 -3.11 9.23 4.25
N PRO A 150 -2.88 10.04 3.21
CA PRO A 150 -4.00 10.63 2.49
C PRO A 150 -4.81 9.66 1.66
N PHE A 151 -4.28 8.45 1.40
CA PHE A 151 -4.97 7.48 0.55
C PHE A 151 -5.60 6.35 1.34
N VAL A 152 -5.35 6.26 2.65
CA VAL A 152 -5.89 5.14 3.44
C VAL A 152 -7.40 5.29 3.55
N PHE A 153 -8.09 4.18 3.41
CA PHE A 153 -9.57 4.22 3.32
C PHE A 153 -10.16 4.47 4.73
N ALA A 154 -11.28 5.19 4.77
CA ALA A 154 -11.91 5.59 6.06
C ALA A 154 -12.20 4.46 7.04
N PRO A 155 -12.77 3.33 6.58
CA PRO A 155 -13.03 2.24 7.52
C PRO A 155 -11.73 1.75 8.18
N THR A 156 -10.62 1.76 7.44
CA THR A 156 -9.32 1.40 7.99
C THR A 156 -8.83 2.38 9.08
N LEU A 157 -8.91 3.67 8.76
CA LEU A 157 -8.48 4.73 9.66
C LEU A 157 -9.30 4.75 10.94
N LEU A 158 -10.60 4.60 10.80
CA LEU A 158 -11.50 4.51 11.98
C LEU A 158 -11.19 3.28 12.87
N THR A 159 -10.92 2.14 12.27
CA THR A 159 -10.46 0.99 13.00
C THR A 159 -9.12 1.24 13.72
N VAL A 160 -8.21 1.88 13.00
CA VAL A 160 -6.93 2.26 13.58
C VAL A 160 -7.17 3.20 14.80
N ALA A 161 -8.06 4.19 14.69
CA ALA A 161 -8.35 5.11 15.81
C ALA A 161 -8.91 4.37 17.00
N VAL A 162 -9.78 3.41 16.74
CA VAL A 162 -10.37 2.57 17.81
C VAL A 162 -9.27 1.78 18.56
N HIS A 163 -8.41 1.10 17.82
CA HIS A 163 -7.32 0.35 18.43
C HIS A 163 -6.31 1.24 19.14
N PHE A 164 -6.05 2.43 18.59
CA PHE A 164 -5.18 3.36 19.24
C PHE A 164 -5.78 3.81 20.58
N GLU A 165 -7.08 4.04 20.61
CA GLU A 165 -7.77 4.33 21.85
C GLU A 165 -7.69 3.21 22.92
N GLU A 166 -7.85 1.96 22.50
CA GLU A 166 -7.66 0.82 23.40
C GLU A 166 -6.20 0.76 23.94
N VAL A 167 -5.22 1.16 23.15
CA VAL A 167 -3.83 1.23 23.59
C VAL A 167 -3.69 2.28 24.68
N ALA A 168 -4.26 3.47 24.47
CA ALA A 168 -4.16 4.58 25.39
C ALA A 168 -4.87 4.22 26.69
N LYS A 169 -6.07 3.68 26.59
CA LYS A 169 -6.81 3.27 27.77
C LYS A 169 -6.06 2.23 28.62
N SER A 170 -5.55 1.19 27.98
CA SER A 170 -4.85 0.13 28.70
C SER A 170 -3.50 0.58 29.32
N CYS A 171 -2.70 1.27 28.52
CA CYS A 171 -1.39 1.76 28.94
C CYS A 171 -1.43 2.88 30.00
N CYS A 172 -2.48 3.69 30.00
CA CYS A 172 -2.68 4.72 31.05
C CYS A 172 -2.97 4.16 32.44
N GLU A 173 -3.29 2.87 32.53
CA GLU A 173 -3.43 2.15 33.81
C GLU A 173 -2.10 1.48 34.31
N GLU A 174 -1.01 1.58 33.56
CA GLU A 174 0.23 0.90 33.92
C GLU A 174 1.18 1.87 34.63
N GLN A 175 2.18 1.29 35.28
CA GLN A 175 3.24 2.07 35.96
C GLN A 175 4.26 2.63 34.97
N ASN A 176 4.79 1.79 34.09
CA ASN A 176 5.76 2.29 33.11
C ASN A 176 4.96 2.62 31.82
N LYS A 177 4.32 3.79 31.80
CA LYS A 177 3.43 4.18 30.69
C LYS A 177 4.13 4.25 29.33
N VAL A 178 5.35 4.79 29.30
CA VAL A 178 6.09 5.00 28.05
C VAL A 178 6.37 3.68 27.39
N ASN A 179 6.78 2.66 28.15
CA ASN A 179 7.19 1.40 27.54
C ASN A 179 5.96 0.72 26.96
N CYS A 180 4.90 0.70 27.76
CA CYS A 180 3.59 0.13 27.30
C CYS A 180 3.11 0.79 25.97
N LEU A 181 2.99 2.12 25.97
CA LEU A 181 2.54 2.86 24.79
C LEU A 181 3.38 2.51 23.55
N GLN A 182 4.70 2.46 23.69
CA GLN A 182 5.56 2.21 22.55
C GLN A 182 5.40 0.80 22.01
N THR A 183 5.32 -0.17 22.92
N THR A 183 5.31 -0.19 22.88
CA THR A 183 5.17 -1.59 22.61
CA THR A 183 5.22 -1.57 22.43
C THR A 183 3.83 -1.90 21.93
C THR A 183 3.82 -1.95 21.93
N ARG A 184 2.76 -1.46 22.58
CA ARG A 184 1.37 -1.84 22.20
C ARG A 184 0.92 -1.13 20.91
N ALA A 185 1.50 0.03 20.64
CA ALA A 185 1.28 0.76 19.36
C ALA A 185 1.85 0.02 18.13
N ILE A 186 2.89 -0.80 18.31
CA ILE A 186 3.54 -1.45 17.17
C ILE A 186 2.57 -2.20 16.24
N PRO A 187 1.75 -3.13 16.78
CA PRO A 187 0.89 -3.84 15.84
C PRO A 187 -0.22 -2.99 15.25
N VAL A 188 -0.59 -1.88 15.90
CA VAL A 188 -1.59 -0.99 15.34
C VAL A 188 -0.96 -0.30 14.12
N THR A 189 0.27 0.18 14.29
CA THR A 189 1.05 0.79 13.19
C THR A 189 1.29 -0.14 12.02
N GLN A 190 1.61 -1.40 12.31
CA GLN A 190 1.79 -2.39 11.26
C GLN A 190 0.52 -2.64 10.46
N TYR A 191 -0.61 -2.66 11.14
CA TYR A 191 -1.91 -2.84 10.50
C TYR A 191 -2.15 -1.68 9.50
N LEU A 192 -1.97 -0.48 10.03
CA LEU A 192 -2.16 0.73 9.25
C LEU A 192 -1.23 0.69 8.00
N LYS A 193 0.05 0.41 8.20
CA LYS A 193 0.99 0.41 7.08
C LYS A 193 0.74 -0.71 6.09
N ALA A 194 0.35 -1.90 6.56
CA ALA A 194 -0.03 -2.98 5.64
C ALA A 194 -1.26 -2.64 4.77
N PHE A 195 -2.36 -2.23 5.38
CA PHE A 195 -3.54 -1.80 4.61
C PHE A 195 -3.33 -0.61 3.68
N SER A 196 -2.60 0.38 4.17
CA SER A 196 -2.14 1.50 3.36
C SER A 196 -1.44 1.09 2.06
N SER A 197 -0.44 0.20 2.16
N SER A 197 -0.44 0.20 2.19
N SER A 197 -0.45 0.21 2.19
CA SER A 197 0.29 -0.26 0.97
CA SER A 197 0.30 -0.29 1.04
CA SER A 197 0.30 -0.26 1.04
C SER A 197 -0.64 -0.98 -0.01
C SER A 197 -0.61 -0.99 0.02
C SER A 197 -0.61 -0.99 0.02
N TYR A 198 -1.54 -1.79 0.52
CA TYR A 198 -2.42 -2.57 -0.29
C TYR A 198 -3.41 -1.67 -1.06
N GLN A 199 -4.02 -0.73 -0.36
CA GLN A 199 -4.95 0.26 -0.92
C GLN A 199 -4.29 1.19 -1.97
N LYS A 200 -3.07 1.64 -1.72
CA LYS A 200 -2.30 2.41 -2.69
C LYS A 200 -1.99 1.59 -3.95
N HIS A 201 -1.69 0.31 -3.77
CA HIS A 201 -1.42 -0.59 -4.86
C HIS A 201 -2.67 -0.73 -5.78
N VAL A 202 -3.82 -1.05 -5.19
CA VAL A 202 -5.02 -1.21 -5.98
C VAL A 202 -5.46 0.14 -6.62
N CYS A 203 -5.45 1.22 -5.86
CA CYS A 203 -5.84 2.52 -6.41
C CYS A 203 -4.92 2.99 -7.56
N GLY A 204 -3.62 2.80 -7.38
CA GLY A 204 -2.63 3.13 -8.40
C GLY A 204 -2.90 2.36 -9.67
N ALA A 205 -3.21 1.08 -9.52
CA ALA A 205 -3.52 0.23 -10.69
C ALA A 205 -4.80 0.64 -11.40
N LEU A 206 -5.78 1.03 -10.60
CA LEU A 206 -7.02 1.51 -11.15
C LEU A 206 -6.81 2.73 -12.04
N LEU A 207 -6.02 3.69 -11.57
CA LEU A 207 -5.76 4.92 -12.30
C LEU A 207 -4.94 4.70 -13.59
N LYS A 208 -3.96 3.81 -13.56
N LYS A 208 -4.01 3.72 -13.55
CA LYS A 208 -3.11 3.56 -14.71
CA LYS A 208 -3.04 3.42 -14.62
C LYS A 208 -3.80 2.76 -15.79
C LYS A 208 -3.40 2.27 -15.59
N PHE A 209 -4.62 1.78 -15.38
N PHE A 209 -4.14 1.28 -15.12
CA PHE A 209 -5.16 0.76 -16.27
CA PHE A 209 -4.42 0.11 -15.93
C PHE A 209 -6.69 0.65 -16.33
C PHE A 209 -5.90 -0.06 -16.21
N GLY A 210 -7.44 1.30 -15.44
N GLY A 210 -6.77 0.54 -15.40
CA GLY A 210 -8.89 1.28 -15.49
CA GLY A 210 -8.20 0.58 -15.72
C GLY A 210 -9.49 0.06 -14.79
C GLY A 210 -9.06 -0.41 -14.93
N THR A 211 -10.78 0.15 -14.47
N THR A 211 -10.34 -0.11 -14.82
CA THR A 211 -11.48 -0.92 -13.73
CA THR A 211 -11.28 -0.95 -14.04
C THR A 211 -11.49 -2.28 -14.47
C THR A 211 -11.36 -2.40 -14.53
N LYS A 212 -11.39 -2.26 -15.79
N LYS A 212 -11.43 -2.61 -15.84
CA LYS A 212 -11.52 -3.47 -16.62
CA LYS A 212 -11.52 -3.98 -16.32
C LYS A 212 -10.39 -4.51 -16.48
C LYS A 212 -10.33 -4.61 -15.77
N VAL A 213 -9.18 -4.04 -16.18
CA VAL A 213 -7.98 -4.79 -16.00
C VAL A 213 -7.94 -5.09 -14.52
N VAL A 214 -8.30 -4.09 -13.73
CA VAL A 214 -8.13 -4.19 -12.31
C VAL A 214 -9.09 -5.10 -11.61
N HIS A 215 -10.34 -5.27 -12.06
N HIS A 215 -10.37 -5.18 -12.09
CA HIS A 215 -11.29 -6.17 -11.35
CA HIS A 215 -11.45 -6.17 -11.70
C HIS A 215 -10.98 -7.68 -11.48
C HIS A 215 -10.99 -7.64 -11.52
N PHE A 216 -10.02 -8.02 -12.33
CA PHE A 216 -9.38 -9.34 -12.26
C PHE A 216 -8.66 -9.63 -10.94
N ILE A 217 -8.13 -8.57 -10.34
CA ILE A 217 -7.56 -8.66 -9.01
C ILE A 217 -8.60 -9.14 -8.00
N TYR A 218 -9.82 -8.60 -8.04
CA TYR A 218 -10.85 -8.93 -7.07
C TYR A 218 -11.38 -10.34 -7.34
N ILE A 219 -11.47 -10.72 -8.61
CA ILE A 219 -11.90 -12.09 -8.93
C ILE A 219 -10.89 -13.04 -8.33
N ALA A 220 -9.61 -12.75 -8.54
CA ALA A 220 -8.58 -13.68 -8.04
C ALA A 220 -8.59 -13.79 -6.52
N ILE A 221 -8.66 -12.65 -5.79
CA ILE A 221 -8.62 -12.65 -4.32
C ILE A 221 -9.88 -13.28 -3.72
N LEU A 222 -11.05 -12.87 -4.21
CA LEU A 222 -12.32 -13.44 -3.69
C LEU A 222 -12.48 -14.95 -3.95
N SER A 223 -12.03 -15.39 -5.12
CA SER A 223 -12.09 -16.82 -5.48
C SER A 223 -11.15 -17.67 -4.62
N GLN A 224 -9.97 -17.15 -4.29
CA GLN A 224 -9.07 -17.81 -3.32
C GLN A 224 -9.64 -17.86 -1.93
N LYS A 225 -10.22 -16.75 -1.49
CA LYS A 225 -10.74 -16.63 -0.14
C LYS A 225 -12.04 -17.42 0.07
N PHE A 226 -12.91 -17.44 -0.93
CA PHE A 226 -14.22 -18.10 -0.84
C PHE A 226 -14.33 -19.13 -1.95
N PRO A 227 -13.54 -20.20 -1.87
CA PRO A 227 -13.48 -21.11 -3.01
C PRO A 227 -14.75 -21.94 -3.22
N LYS A 228 -15.68 -21.94 -2.26
CA LYS A 228 -16.96 -22.63 -2.49
C LYS A 228 -18.05 -21.75 -3.13
N ILE A 229 -17.78 -20.47 -3.36
CA ILE A 229 -18.77 -19.56 -3.96
C ILE A 229 -19.14 -19.94 -5.38
N GLU A 230 -20.39 -19.72 -5.81
CA GLU A 230 -20.81 -19.89 -7.24
C GLU A 230 -20.38 -18.73 -8.09
N PHE A 231 -20.09 -19.00 -9.37
CA PHE A 231 -19.58 -17.98 -10.27
C PHE A 231 -20.47 -16.73 -10.34
N LYS A 232 -21.77 -16.91 -10.53
CA LYS A 232 -22.67 -15.79 -10.63
C LYS A 232 -22.67 -14.91 -9.38
N GLU A 233 -22.66 -15.54 -8.19
CA GLU A 233 -22.60 -14.81 -6.93
C GLU A 233 -21.24 -14.07 -6.77
N LEU A 234 -20.14 -14.71 -7.13
CA LEU A 234 -18.81 -14.07 -7.19
C LEU A 234 -18.80 -12.83 -8.11
N ILE A 235 -19.35 -12.96 -9.30
CA ILE A 235 -19.40 -11.80 -10.20
C ILE A 235 -20.22 -10.68 -9.59
N SER A 236 -21.31 -11.01 -8.95
CA SER A 236 -22.12 -10.03 -8.28
C SER A 236 -21.36 -9.30 -7.14
N LEU A 237 -20.58 -10.07 -6.38
CA LEU A 237 -19.78 -9.54 -5.29
C LEU A 237 -18.64 -8.65 -5.84
N VAL A 238 -18.01 -9.11 -6.92
CA VAL A 238 -16.97 -8.36 -7.59
C VAL A 238 -17.47 -6.98 -8.04
N GLU A 239 -18.70 -6.90 -8.55
CA GLU A 239 -19.32 -5.61 -8.89
C GLU A 239 -19.42 -4.65 -7.69
N ASP A 240 -19.84 -5.17 -6.53
CA ASP A 240 -19.89 -4.39 -5.31
C ASP A 240 -18.48 -3.95 -4.86
N VAL A 241 -17.51 -4.87 -4.90
CA VAL A 241 -16.16 -4.54 -4.55
C VAL A 241 -15.55 -3.46 -5.46
N SER A 242 -15.75 -3.59 -6.79
N SER A 242 -15.75 -3.59 -6.79
CA SER A 242 -15.21 -2.63 -7.72
CA SER A 242 -15.24 -2.62 -7.76
C SER A 242 -15.78 -1.20 -7.48
C SER A 242 -15.78 -1.20 -7.48
N SER A 243 -17.09 -1.09 -7.28
CA SER A 243 -17.72 0.17 -6.86
C SER A 243 -17.13 0.70 -5.57
N ASN A 244 -16.92 -0.18 -4.59
CA ASN A 244 -16.30 0.17 -3.34
C ASN A 244 -14.91 0.78 -3.53
N TYR A 245 -14.04 0.13 -4.33
CA TYR A 245 -12.75 0.76 -4.69
C TYR A 245 -12.89 2.08 -5.48
N ASP A 246 -13.85 2.19 -6.38
CA ASP A 246 -14.03 3.44 -7.12
C ASP A 246 -14.17 4.65 -6.14
N GLY A 247 -15.03 4.52 -5.13
CA GLY A 247 -15.29 5.64 -4.20
C GLY A 247 -14.14 5.81 -3.21
N CYS A 248 -13.63 4.69 -2.71
CA CYS A 248 -12.60 4.72 -1.71
C CYS A 248 -11.32 5.32 -2.33
N CYS A 249 -11.00 4.93 -3.58
CA CYS A 249 -9.80 5.46 -4.27
C CYS A 249 -9.91 6.95 -4.57
N GLU A 250 -11.14 7.41 -4.86
CA GLU A 250 -11.40 8.82 -5.01
C GLU A 250 -11.11 9.63 -3.75
N GLY A 251 -11.38 9.05 -2.59
CA GLY A 251 -11.32 9.74 -1.35
C GLY A 251 -12.66 10.18 -0.79
N ASP A 252 -13.76 9.69 -1.37
CA ASP A 252 -15.08 10.03 -0.93
C ASP A 252 -15.38 9.19 0.34
N VAL A 253 -15.14 9.77 1.50
N VAL A 253 -15.14 9.77 1.50
CA VAL A 253 -15.18 9.00 2.77
CA VAL A 253 -15.17 9.02 2.77
C VAL A 253 -16.55 8.40 3.09
C VAL A 253 -16.55 8.42 3.11
N VAL A 254 -17.61 9.20 2.90
CA VAL A 254 -18.99 8.72 3.09
C VAL A 254 -19.37 7.57 2.14
N GLN A 255 -19.14 7.75 0.85
CA GLN A 255 -19.43 6.69 -0.11
C GLN A 255 -18.60 5.43 0.16
N CYS A 256 -17.36 5.63 0.56
CA CYS A 256 -16.49 4.52 0.91
C CYS A 256 -17.08 3.68 2.03
N ILE A 257 -17.49 4.34 3.11
CA ILE A 257 -18.11 3.66 4.26
C ILE A 257 -19.37 2.92 3.83
N ARG A 258 -20.25 3.60 3.10
CA ARG A 258 -21.48 3.00 2.55
C ARG A 258 -21.23 1.80 1.66
N ASP A 259 -20.31 1.93 0.70
CA ASP A 259 -19.99 0.80 -0.18
C ASP A 259 -19.29 -0.33 0.54
N THR A 260 -18.41 -0.04 1.52
CA THR A 260 -17.79 -1.09 2.31
C THR A 260 -18.89 -1.88 3.08
N SER A 261 -19.81 -1.16 3.72
CA SER A 261 -20.91 -1.80 4.41
C SER A 261 -21.78 -2.67 3.48
N LYS A 262 -22.05 -2.18 2.28
CA LYS A 262 -22.73 -3.00 1.27
C LYS A 262 -21.99 -4.32 0.96
N VAL A 263 -20.69 -4.26 0.73
CA VAL A 263 -19.91 -5.45 0.44
C VAL A 263 -20.02 -6.48 1.63
N MET A 264 -19.88 -5.99 2.86
CA MET A 264 -19.90 -6.87 4.03
C MET A 264 -21.27 -7.50 4.24
N ASN A 265 -22.30 -6.68 4.05
CA ASN A 265 -23.68 -7.16 4.04
C ASN A 265 -23.95 -8.18 2.93
N HIS A 266 -23.49 -7.92 1.71
CA HIS A 266 -23.55 -8.92 0.60
C HIS A 266 -22.88 -10.26 1.01
N ILE A 267 -21.66 -10.21 1.50
CA ILE A 267 -20.96 -11.38 1.99
C ILE A 267 -21.77 -12.08 3.11
N CYS A 268 -22.05 -11.36 4.18
CA CYS A 268 -22.80 -11.90 5.34
C CYS A 268 -24.20 -12.41 5.04
N SER A 269 -24.98 -11.69 4.24
CA SER A 269 -26.34 -12.13 3.91
C SER A 269 -26.39 -13.37 3.01
N LYS A 270 -25.24 -13.91 2.63
CA LYS A 270 -25.13 -15.22 1.98
C LYS A 270 -24.02 -16.07 2.58
N GLN A 271 -23.81 -15.91 3.89
CA GLN A 271 -22.80 -16.65 4.67
C GLN A 271 -22.76 -18.12 4.26
N ASP A 272 -23.89 -18.82 4.36
CA ASP A 272 -24.05 -20.14 3.73
C ASP A 272 -24.13 -19.95 2.21
N SER A 273 -23.35 -20.75 1.48
CA SER A 273 -23.13 -20.59 0.04
C SER A 273 -22.14 -19.46 -0.32
N ILE A 274 -21.27 -19.09 0.62
CA ILE A 274 -20.08 -18.27 0.34
C ILE A 274 -18.90 -18.77 1.20
N SER A 275 -19.06 -18.74 2.53
CA SER A 275 -17.95 -19.02 3.43
C SER A 275 -18.41 -19.80 4.66
N SER A 276 -17.41 -20.38 5.34
CA SER A 276 -17.57 -21.08 6.58
C SER A 276 -16.85 -20.38 7.75
N LYS A 277 -15.82 -19.56 7.45
CA LYS A 277 -14.89 -19.04 8.45
C LYS A 277 -15.06 -17.54 8.75
N ILE A 278 -16.31 -17.06 8.87
CA ILE A 278 -16.58 -15.62 9.08
C ILE A 278 -17.79 -15.33 9.99
N LYS A 279 -18.05 -16.20 10.97
CA LYS A 279 -19.24 -16.08 11.81
C LYS A 279 -19.11 -15.00 12.88
N GLU A 280 -17.96 -15.00 13.57
CA GLU A 280 -17.67 -13.98 14.59
C GLU A 280 -17.50 -12.60 13.94
N CYS A 281 -17.15 -12.57 12.66
CA CYS A 281 -17.12 -11.33 11.89
C CYS A 281 -18.55 -10.82 11.62
N CYS A 282 -19.44 -11.68 11.10
CA CYS A 282 -20.84 -11.27 10.81
C CYS A 282 -21.67 -10.93 12.09
N GLU A 283 -21.09 -11.12 13.28
CA GLU A 283 -21.62 -10.58 14.54
C GLU A 283 -21.21 -9.11 14.77
N LYS A 284 -19.90 -8.85 14.76
CA LYS A 284 -19.26 -7.54 15.08
C LYS A 284 -19.87 -6.19 14.55
N LYS A 285 -19.37 -5.07 15.09
CA LYS A 285 -19.84 -3.73 14.73
C LYS A 285 -19.22 -3.20 13.42
N ILE A 286 -19.88 -2.24 12.81
CA ILE A 286 -19.28 -1.43 11.76
C ILE A 286 -18.22 -0.56 12.49
N PRO A 287 -17.00 -0.38 11.97
CA PRO A 287 -16.45 -1.01 10.78
C PRO A 287 -15.58 -2.25 11.06
N GLU A 288 -15.70 -2.83 12.26
CA GLU A 288 -14.83 -3.94 12.69
C GLU A 288 -15.22 -5.24 11.99
N ARG A 289 -16.53 -5.55 11.97
CA ARG A 289 -17.12 -6.71 11.25
C ARG A 289 -16.57 -6.93 9.81
N GLY A 290 -16.06 -5.86 9.18
CA GLY A 290 -15.48 -5.90 7.84
C GLY A 290 -13.96 -5.88 7.75
N GLN A 291 -13.31 -5.13 8.65
CA GLN A 291 -11.85 -5.27 8.81
C GLN A 291 -11.53 -6.71 9.35
N CYS A 292 -12.48 -7.30 10.09
CA CYS A 292 -12.50 -8.73 10.45
C CYS A 292 -12.55 -9.63 9.21
N ILE A 293 -13.64 -9.51 8.42
CA ILE A 293 -13.85 -10.33 7.22
C ILE A 293 -12.60 -10.29 6.36
N ILE A 294 -12.01 -9.10 6.20
CA ILE A 294 -10.78 -8.95 5.41
C ILE A 294 -9.59 -9.74 6.02
N ASN A 295 -9.52 -9.81 7.35
CA ASN A 295 -8.49 -10.56 8.05
C ASN A 295 -8.79 -12.05 8.28
N SER A 296 -10.03 -12.51 8.06
CA SER A 296 -10.34 -13.92 8.24
C SER A 296 -9.49 -14.73 7.26
N ASN A 297 -9.15 -15.95 7.64
CA ASN A 297 -8.31 -16.81 6.78
C ASN A 297 -9.14 -17.38 5.62
N LYS A 298 -8.43 -17.95 4.64
CA LYS A 298 -9.05 -18.57 3.46
C LYS A 298 -9.88 -19.78 3.91
N ASP A 299 -11.11 -19.86 3.41
CA ASP A 299 -11.99 -21.02 3.65
C ASP A 299 -11.34 -22.26 3.00
N ASP A 300 -11.66 -23.44 3.53
CA ASP A 300 -11.19 -24.71 2.97
C ASP A 300 -11.84 -24.89 1.61
N ARG A 301 -11.08 -25.37 0.63
CA ARG A 301 -11.63 -25.73 -0.68
C ARG A 301 -12.63 -26.86 -0.53
N PRO A 302 -13.71 -26.83 -1.34
CA PRO A 302 -14.54 -28.04 -1.45
C PRO A 302 -13.67 -29.26 -1.72
N LYS A 303 -13.55 -30.13 -0.71
CA LYS A 303 -12.95 -31.48 -0.82
C LYS A 303 -12.99 -32.15 -2.24
N ASP A 304 -14.11 -32.00 -2.95
CA ASP A 304 -14.23 -32.46 -4.34
C ASP A 304 -13.54 -31.61 -5.45
N LEU A 305 -12.69 -30.65 -5.09
CA LEU A 305 -12.00 -29.80 -6.09
C LEU A 305 -10.61 -30.35 -6.50
N SER A 306 -10.53 -30.88 -7.72
CA SER A 306 -9.25 -31.30 -8.33
C SER A 306 -8.41 -30.10 -8.72
N LEU A 307 -7.14 -30.36 -9.06
CA LEU A 307 -6.16 -29.31 -9.33
C LEU A 307 -6.38 -28.55 -10.63
N ARG A 308 -7.13 -29.14 -11.56
CA ARG A 308 -7.30 -28.57 -12.90
C ARG A 308 -8.75 -28.32 -13.28
N GLU A 309 -8.93 -27.61 -14.40
CA GLU A 309 -10.23 -27.51 -15.06
C GLU A 309 -9.97 -27.79 -16.52
N GLY A 310 -10.22 -29.04 -16.92
CA GLY A 310 -10.07 -29.45 -18.30
C GLY A 310 -10.99 -28.74 -19.26
N LYS A 311 -12.02 -28.06 -18.76
CA LYS A 311 -12.86 -27.21 -19.60
C LYS A 311 -12.06 -26.11 -20.35
N PHE A 312 -10.89 -25.71 -19.82
CA PHE A 312 -10.02 -24.69 -20.44
C PHE A 312 -8.89 -25.20 -21.32
N THR A 313 -8.57 -26.49 -21.18
CA THR A 313 -7.56 -27.14 -22.03
C THR A 313 -8.02 -28.40 -22.75
N ASP A 314 -9.01 -29.12 -22.23
CA ASP A 314 -9.45 -30.41 -22.80
C ASP A 314 -10.72 -30.35 -23.63
N SER A 315 -11.47 -29.25 -23.54
CA SER A 315 -12.73 -29.13 -24.22
C SER A 315 -12.45 -28.62 -25.61
N GLU A 316 -13.27 -29.05 -26.57
CA GLU A 316 -13.24 -28.48 -27.90
C GLU A 316 -14.13 -27.25 -28.03
N ASN A 317 -14.63 -26.70 -26.95
CA ASN A 317 -15.45 -25.49 -27.05
C ASN A 317 -14.71 -24.22 -26.63
N VAL A 318 -13.41 -24.29 -26.42
CA VAL A 318 -12.67 -23.17 -25.80
C VAL A 318 -12.72 -21.91 -26.68
N CYS A 319 -12.35 -22.04 -27.96
CA CYS A 319 -12.27 -20.85 -28.80
C CYS A 319 -13.67 -20.24 -29.00
N GLN A 320 -14.70 -21.10 -29.08
CA GLN A 320 -16.10 -20.61 -29.21
C GLN A 320 -16.54 -19.88 -27.97
N GLU A 321 -16.26 -20.44 -26.80
CA GLU A 321 -16.66 -19.80 -25.53
C GLU A 321 -15.93 -18.47 -25.35
N ARG A 322 -14.66 -18.48 -25.67
CA ARG A 322 -13.89 -17.23 -25.63
C ARG A 322 -14.51 -16.19 -26.57
N ASP A 323 -14.78 -16.59 -27.79
CA ASP A 323 -15.24 -15.60 -28.80
C ASP A 323 -16.65 -15.03 -28.45
N ALA A 324 -17.53 -15.82 -27.85
CA ALA A 324 -18.88 -15.39 -27.51
C ALA A 324 -18.86 -14.27 -26.49
N ASP A 325 -17.88 -14.28 -25.59
CA ASP A 325 -17.80 -13.29 -24.49
C ASP A 325 -16.42 -13.37 -23.83
N PRO A 326 -15.42 -12.75 -24.46
CA PRO A 326 -14.04 -12.90 -23.93
C PRO A 326 -13.87 -12.46 -22.48
N ASP A 327 -14.48 -11.35 -22.07
CA ASP A 327 -14.33 -10.86 -20.69
C ASP A 327 -14.86 -11.87 -19.71
N THR A 328 -16.07 -12.37 -19.95
CA THR A 328 -16.65 -13.32 -19.03
C THR A 328 -15.92 -14.68 -19.05
N PHE A 329 -15.50 -15.09 -20.23
CA PHE A 329 -14.76 -16.34 -20.37
C PHE A 329 -13.44 -16.29 -19.51
N PHE A 330 -12.67 -15.21 -19.66
CA PHE A 330 -11.46 -15.03 -18.81
C PHE A 330 -11.74 -14.81 -17.31
N ALA A 331 -12.84 -14.14 -16.98
CA ALA A 331 -13.28 -14.09 -15.57
C ALA A 331 -13.55 -15.48 -14.98
N LYS A 332 -14.24 -16.33 -15.76
CA LYS A 332 -14.49 -17.69 -15.34
C LYS A 332 -13.18 -18.51 -15.20
N PHE A 333 -12.27 -18.36 -16.14
CA PHE A 333 -10.94 -18.98 -16.02
C PHE A 333 -10.23 -18.51 -14.72
N THR A 334 -10.28 -17.22 -14.46
CA THR A 334 -9.61 -16.65 -13.33
C THR A 334 -10.23 -17.24 -12.01
N PHE A 335 -11.56 -17.27 -11.97
CA PHE A 335 -12.34 -17.90 -10.89
C PHE A 335 -11.90 -19.36 -10.64
N GLU A 336 -11.99 -20.15 -11.69
CA GLU A 336 -11.71 -21.60 -11.57
C GLU A 336 -10.23 -21.86 -11.21
N TYR A 337 -9.31 -21.14 -11.87
CA TYR A 337 -7.88 -21.34 -11.62
C TYR A 337 -7.47 -20.82 -10.24
N SER A 338 -7.95 -19.63 -9.85
CA SER A 338 -7.63 -19.06 -8.53
C SER A 338 -8.15 -19.89 -7.34
N ARG A 339 -9.38 -20.38 -7.43
CA ARG A 339 -9.95 -21.13 -6.34
C ARG A 339 -9.29 -22.48 -6.12
N ARG A 340 -8.72 -23.06 -7.18
CA ARG A 340 -7.94 -24.28 -7.09
C ARG A 340 -6.46 -24.13 -6.80
N HIS A 341 -5.94 -22.91 -6.71
CA HIS A 341 -4.53 -22.68 -6.45
C HIS A 341 -4.40 -21.63 -5.35
N PRO A 342 -4.85 -21.98 -4.12
CA PRO A 342 -4.64 -21.13 -2.95
C PRO A 342 -3.18 -20.83 -2.59
N ASP A 343 -2.24 -21.63 -3.12
N ASP A 343 -2.22 -21.61 -3.09
CA ASP A 343 -0.80 -21.44 -2.88
CA ASP A 343 -0.79 -21.36 -2.79
C ASP A 343 -0.10 -20.39 -3.78
C ASP A 343 -0.09 -20.41 -3.80
N LEU A 344 -0.83 -19.83 -4.75
CA LEU A 344 -0.27 -18.84 -5.69
C LEU A 344 -0.55 -17.42 -5.25
N SER A 345 0.38 -16.53 -5.56
CA SER A 345 0.19 -15.10 -5.33
C SER A 345 -0.81 -14.52 -6.32
N ILE A 346 -1.36 -13.36 -5.96
CA ILE A 346 -2.25 -12.66 -6.85
C ILE A 346 -1.55 -12.25 -8.16
N PRO A 347 -0.33 -11.67 -8.11
CA PRO A 347 0.39 -11.35 -9.35
C PRO A 347 0.69 -12.60 -10.26
N GLU A 348 0.99 -13.75 -9.61
CA GLU A 348 1.21 -14.99 -10.33
C GLU A 348 -0.09 -15.42 -11.03
N LEU A 349 -1.22 -15.34 -10.36
CA LEU A 349 -2.49 -15.69 -11.00
C LEU A 349 -2.79 -14.79 -12.20
N LEU A 350 -2.52 -13.49 -12.07
CA LEU A 350 -2.76 -12.58 -13.17
C LEU A 350 -1.79 -12.78 -14.33
N ARG A 351 -0.52 -13.16 -14.05
CA ARG A 351 0.38 -13.55 -15.10
C ARG A 351 -0.17 -14.78 -15.90
N ILE A 352 -0.67 -15.76 -15.16
CA ILE A 352 -1.27 -16.94 -15.74
C ILE A 352 -2.49 -16.60 -16.63
N VAL A 353 -3.31 -15.67 -16.17
CA VAL A 353 -4.46 -15.25 -16.96
C VAL A 353 -3.97 -14.64 -18.28
N GLN A 354 -2.96 -13.78 -18.23
N GLN A 354 -2.96 -13.77 -18.22
CA GLN A 354 -2.43 -13.15 -19.43
CA GLN A 354 -2.41 -13.10 -19.39
C GLN A 354 -1.81 -14.14 -20.41
C GLN A 354 -1.77 -14.08 -20.38
N ILE A 355 -1.03 -15.06 -19.86
CA ILE A 355 -0.43 -16.13 -20.66
C ILE A 355 -1.51 -16.96 -21.36
N TYR A 356 -2.58 -17.29 -20.63
CA TYR A 356 -3.70 -18.04 -21.21
C TYR A 356 -4.34 -17.23 -22.34
N LYS A 357 -4.60 -15.96 -22.10
CA LYS A 357 -5.13 -15.08 -23.13
C LYS A 357 -4.25 -14.96 -24.41
N ASP A 358 -2.95 -14.77 -24.22
CA ASP A 358 -1.97 -14.78 -25.34
C ASP A 358 -1.90 -16.13 -26.06
N LEU A 359 -1.89 -17.22 -25.29
CA LEU A 359 -1.90 -18.56 -25.86
C LEU A 359 -3.08 -18.77 -26.83
N LEU A 360 -4.27 -18.41 -26.36
CA LEU A 360 -5.50 -18.55 -27.17
C LEU A 360 -5.50 -17.64 -28.39
N ARG A 361 -4.86 -16.48 -28.33
N ARG A 361 -4.86 -16.47 -28.31
CA ARG A 361 -4.76 -15.64 -29.53
CA ARG A 361 -4.74 -15.54 -29.46
C ARG A 361 -4.03 -16.33 -30.65
C ARG A 361 -4.03 -16.26 -30.59
N ASN A 362 -2.96 -17.03 -30.31
N ASN A 362 -2.99 -17.01 -30.24
CA ASN A 362 -2.25 -17.83 -31.26
CA ASN A 362 -2.30 -17.82 -31.21
C ASN A 362 -3.04 -19.09 -31.67
C ASN A 362 -3.12 -19.03 -31.65
N CYS A 363 -3.35 -19.94 -30.70
CA CYS A 363 -3.99 -21.25 -30.95
C CYS A 363 -5.29 -21.23 -31.70
N CYS A 364 -6.16 -20.25 -31.40
CA CYS A 364 -7.50 -20.18 -32.01
C CYS A 364 -7.42 -19.73 -33.50
N ASN A 365 -6.25 -19.28 -33.93
CA ASN A 365 -6.01 -19.01 -35.37
C ASN A 365 -5.08 -20.02 -36.08
N THR A 366 -4.71 -21.15 -35.44
CA THR A 366 -4.00 -22.25 -36.06
C THR A 366 -4.95 -23.27 -36.68
N GLU A 367 -4.36 -24.13 -37.51
CA GLU A 367 -5.08 -25.17 -38.22
C GLU A 367 -5.88 -26.09 -37.30
N ASN A 368 -5.28 -26.43 -36.15
CA ASN A 368 -5.87 -27.35 -35.14
C ASN A 368 -5.80 -26.75 -33.74
N PRO A 369 -6.73 -25.81 -33.45
CA PRO A 369 -6.67 -25.15 -32.12
C PRO A 369 -6.65 -26.07 -30.88
N PRO A 370 -7.52 -27.11 -30.82
CA PRO A 370 -7.50 -28.02 -29.66
C PRO A 370 -6.14 -28.73 -29.41
N GLY A 371 -5.41 -29.02 -30.46
CA GLY A 371 -4.09 -29.62 -30.36
C GLY A 371 -3.06 -28.65 -29.80
N CYS A 372 -3.30 -27.34 -29.96
CA CYS A 372 -2.41 -26.29 -29.53
C CYS A 372 -2.70 -25.89 -28.08
N TYR A 373 -3.95 -25.63 -27.73
CA TYR A 373 -4.27 -25.18 -26.35
C TYR A 373 -4.33 -26.27 -25.27
N ARG A 374 -4.38 -27.51 -25.72
CA ARG A 374 -4.22 -28.69 -24.89
C ARG A 374 -3.05 -28.60 -23.91
N TYR A 375 -1.97 -27.94 -24.32
CA TYR A 375 -0.74 -27.78 -23.54
C TYR A 375 -0.64 -26.49 -22.72
N ALA A 376 -1.75 -25.82 -22.46
CA ALA A 376 -1.71 -24.61 -21.67
C ALA A 376 -1.07 -24.77 -20.31
N GLU A 377 -1.34 -25.88 -19.64
CA GLU A 377 -0.80 -26.07 -18.27
C GLU A 377 0.73 -26.16 -18.24
N ASP A 378 1.34 -26.60 -19.36
CA ASP A 378 2.80 -26.58 -19.49
C ASP A 378 3.33 -25.17 -19.57
N LYS A 379 2.61 -24.25 -20.24
CA LYS A 379 3.02 -22.85 -20.18
C LYS A 379 2.90 -22.30 -18.77
N PHE A 380 1.80 -22.61 -18.07
CA PHE A 380 1.60 -22.10 -16.68
C PHE A 380 2.69 -22.62 -15.75
N ASN A 381 2.98 -23.91 -15.90
CA ASN A 381 4.01 -24.59 -15.10
C ASN A 381 5.38 -23.97 -15.24
N GLU A 382 5.80 -23.67 -16.47
CA GLU A 382 7.10 -23.00 -16.69
C GLU A 382 7.17 -21.60 -16.06
N THR A 383 6.13 -20.80 -16.26
CA THR A 383 6.17 -19.45 -15.72
C THR A 383 6.18 -19.48 -14.19
N THR A 384 5.39 -20.37 -13.59
CA THR A 384 5.31 -20.46 -12.14
C THR A 384 6.62 -21.00 -11.52
N GLU A 385 7.23 -22.01 -12.16
CA GLU A 385 8.53 -22.48 -11.73
C GLU A 385 9.57 -21.40 -11.71
N LYS A 386 9.61 -20.55 -12.73
CA LYS A 386 10.53 -19.43 -12.75
C LYS A 386 10.29 -18.50 -11.57
N SER A 387 9.02 -18.18 -11.28
CA SER A 387 8.71 -17.25 -10.18
C SER A 387 9.12 -17.89 -8.86
N LEU A 388 8.78 -19.15 -8.72
CA LEU A 388 9.05 -19.89 -7.50
C LEU A 388 10.57 -20.01 -7.23
N LYS A 389 11.35 -20.33 -8.25
CA LYS A 389 12.81 -20.38 -8.11
C LYS A 389 13.40 -19.04 -7.66
N MET A 390 12.85 -17.93 -8.15
CA MET A 390 13.32 -16.58 -7.77
C MET A 390 13.08 -16.31 -6.30
N VAL A 391 11.88 -16.61 -5.85
CA VAL A 391 11.55 -16.47 -4.44
C VAL A 391 12.39 -17.36 -3.56
N GLN A 392 12.59 -18.60 -3.98
CA GLN A 392 13.46 -19.50 -3.25
C GLN A 392 14.89 -18.95 -3.10
N GLN A 393 15.43 -18.36 -4.17
CA GLN A 393 16.76 -17.75 -4.14
C GLN A 393 16.80 -16.55 -3.17
N GLU A 394 15.80 -15.66 -3.26
CA GLU A 394 15.71 -14.51 -2.38
C GLU A 394 15.59 -14.95 -0.92
N CYS A 395 14.76 -15.98 -0.63
CA CYS A 395 14.60 -16.49 0.75
C CYS A 395 15.89 -17.14 1.31
N LYS A 396 16.67 -17.78 0.44
CA LYS A 396 17.93 -18.38 0.87
C LYS A 396 18.92 -17.25 1.25
N HIS A 397 18.99 -16.23 0.40
CA HIS A 397 19.80 -15.03 0.64
C HIS A 397 19.41 -14.38 1.96
N PHE A 398 18.10 -14.25 2.24
CA PHE A 398 17.61 -13.84 3.56
C PHE A 398 18.08 -14.73 4.73
N GLN A 399 18.01 -16.06 4.57
CA GLN A 399 18.52 -16.98 5.59
CA GLN A 399 18.53 -16.97 5.59
C GLN A 399 20.03 -16.74 5.84
N ASN A 400 20.82 -16.61 4.77
CA ASN A 400 22.27 -16.39 4.85
C ASN A 400 22.71 -15.09 5.51
N LEU A 401 22.05 -13.98 5.16
CA LEU A 401 22.51 -12.61 5.51
C LEU A 401 21.77 -11.93 6.60
N GLY A 402 20.58 -12.44 6.94
CA GLY A 402 19.70 -11.75 7.88
C GLY A 402 19.01 -10.56 7.26
N LYS A 403 18.15 -9.93 8.03
CA LYS A 403 17.30 -8.85 7.54
C LYS A 403 18.09 -7.60 7.03
N ASP A 404 18.98 -7.12 7.88
CA ASP A 404 19.80 -5.96 7.60
C ASP A 404 20.72 -6.18 6.39
N GLY A 405 21.39 -7.32 6.36
CA GLY A 405 22.30 -7.68 5.25
C GLY A 405 21.62 -7.75 3.91
N LEU A 406 20.43 -8.36 3.87
CA LEU A 406 19.65 -8.40 2.66
C LEU A 406 19.17 -7.00 2.29
N LYS A 407 18.74 -6.22 3.28
CA LYS A 407 18.27 -4.85 3.05
C LYS A 407 19.33 -4.01 2.33
N TYR A 408 20.59 -4.14 2.74
CA TYR A 408 21.69 -3.37 2.15
C TYR A 408 21.88 -3.69 0.68
N HIS A 409 21.69 -4.97 0.31
CA HIS A 409 21.74 -5.39 -1.08
C HIS A 409 20.61 -4.72 -1.92
N TYR A 410 19.42 -4.67 -1.35
CA TYR A 410 18.26 -4.01 -1.98
C TYR A 410 18.40 -2.49 -2.14
N LEU A 411 18.95 -1.87 -1.11
CA LEU A 411 19.22 -0.44 -1.13
C LEU A 411 20.22 -0.09 -2.21
N ILE A 412 21.28 -0.88 -2.35
CA ILE A 412 22.24 -0.67 -3.44
C ILE A 412 21.56 -0.78 -4.84
N ARG A 413 20.83 -1.88 -5.04
CA ARG A 413 20.17 -2.16 -6.32
C ARG A 413 19.12 -1.12 -6.65
N LEU A 414 18.26 -0.80 -5.70
CA LEU A 414 17.22 0.17 -5.92
C LEU A 414 17.79 1.55 -6.27
N THR A 415 18.83 1.97 -5.53
CA THR A 415 19.45 3.28 -5.76
C THR A 415 20.14 3.33 -7.13
N LYS A 416 20.79 2.26 -7.55
CA LYS A 416 21.33 2.17 -8.91
C LYS A 416 20.29 2.37 -10.04
N ILE A 417 19.15 1.73 -9.87
CA ILE A 417 18.14 1.69 -10.88
C ILE A 417 17.27 2.94 -10.88
N ALA A 418 17.06 3.55 -9.72
CA ALA A 418 16.16 4.71 -9.51
C ALA A 418 16.81 5.81 -8.67
N PRO A 419 18.01 6.26 -9.08
CA PRO A 419 18.78 7.20 -8.25
C PRO A 419 18.13 8.58 -8.16
N GLN A 420 17.14 8.89 -9.02
CA GLN A 420 16.47 10.14 -9.01
C GLN A 420 15.48 10.26 -7.83
N LEU A 421 15.10 9.16 -7.20
CA LEU A 421 14.26 9.22 -5.98
C LEU A 421 15.00 9.82 -4.81
N SER A 422 14.28 10.49 -3.92
CA SER A 422 14.87 10.96 -2.68
C SER A 422 15.40 9.76 -1.86
N THR A 423 16.47 10.06 -1.13
CA THR A 423 16.99 9.11 -0.20
C THR A 423 15.96 8.58 0.78
N GLU A 424 15.08 9.45 1.28
CA GLU A 424 14.05 9.00 2.24
C GLU A 424 13.14 7.96 1.59
N GLU A 425 12.79 8.19 0.33
CA GLU A 425 11.93 7.24 -0.39
C GLU A 425 12.64 5.90 -0.63
N LEU A 426 13.89 5.93 -1.03
CA LEU A 426 14.65 4.74 -1.35
C LEU A 426 14.80 3.90 -0.09
N VAL A 427 15.07 4.55 1.02
CA VAL A 427 15.13 3.91 2.31
C VAL A 427 13.82 3.22 2.67
N SER A 428 12.68 3.91 2.56
CA SER A 428 11.35 3.32 2.74
C SER A 428 11.10 2.10 1.86
N LEU A 429 11.42 2.21 0.58
CA LEU A 429 11.23 1.11 -0.36
C LEU A 429 12.07 -0.13 -0.04
N GLY A 430 13.32 0.11 0.38
CA GLY A 430 14.17 -0.94 0.83
C GLY A 430 13.62 -1.68 2.07
N GLU A 431 13.16 -0.92 3.06
N GLU A 431 13.14 -0.89 3.02
CA GLU A 431 12.56 -1.53 4.26
CA GLU A 431 12.59 -1.42 4.26
C GLU A 431 11.32 -2.31 3.90
C GLU A 431 11.30 -2.22 3.99
N LYS A 432 10.44 -1.71 3.11
CA LYS A 432 9.27 -2.42 2.63
C LYS A 432 9.63 -3.67 1.83
N MET A 433 10.64 -3.62 0.99
CA MET A 433 11.02 -4.84 0.26
C MET A 433 11.46 -5.97 1.22
N VAL A 434 12.28 -5.64 2.23
CA VAL A 434 12.84 -6.66 3.08
C VAL A 434 11.77 -7.31 3.97
N THR A 435 10.75 -6.55 4.30
CA THR A 435 9.60 -7.01 5.10
C THR A 435 8.81 -8.14 4.49
N ALA A 436 8.75 -8.20 3.16
CA ALA A 436 8.22 -9.36 2.49
C ALA A 436 8.94 -10.64 2.93
N PHE A 437 10.25 -10.56 3.06
CA PHE A 437 11.05 -11.75 3.44
C PHE A 437 11.04 -12.10 4.91
N THR A 438 11.06 -11.10 5.77
CA THR A 438 10.96 -11.31 7.22
C THR A 438 9.60 -11.81 7.65
N THR A 439 8.56 -11.36 6.99
CA THR A 439 7.22 -11.82 7.26
C THR A 439 6.95 -13.26 6.75
N CYS A 440 7.51 -13.64 5.59
CA CYS A 440 7.03 -14.80 4.83
C CYS A 440 7.97 -15.96 4.69
N CYS A 441 9.29 -15.72 4.77
CA CYS A 441 10.24 -16.76 4.39
C CYS A 441 10.07 -17.91 5.40
N THR A 442 10.09 -19.14 4.90
CA THR A 442 9.85 -20.40 5.67
C THR A 442 8.40 -20.77 5.99
N LEU A 443 7.44 -19.89 5.74
CA LEU A 443 6.03 -20.26 5.92
C LEU A 443 5.65 -21.34 4.90
N SER A 444 4.55 -22.05 5.13
CA SER A 444 4.07 -23.05 4.15
C SER A 444 3.65 -22.38 2.81
N GLU A 445 3.05 -21.20 2.86
CA GLU A 445 2.72 -20.46 1.61
C GLU A 445 3.71 -19.30 1.43
N GLU A 446 4.98 -19.65 1.56
CA GLU A 446 6.07 -18.73 1.36
C GLU A 446 5.94 -18.04 0.01
N PHE A 447 5.70 -18.83 -1.05
CA PHE A 447 5.69 -18.24 -2.41
C PHE A 447 4.60 -17.16 -2.52
N ALA A 448 3.37 -17.52 -2.13
CA ALA A 448 2.26 -16.57 -2.23
C ALA A 448 2.51 -15.30 -1.37
N CYS A 449 2.94 -15.53 -0.16
CA CYS A 449 3.16 -14.44 0.79
C CYS A 449 4.23 -13.44 0.28
N VAL A 450 5.40 -13.96 -0.10
CA VAL A 450 6.50 -13.15 -0.56
C VAL A 450 6.12 -12.37 -1.84
N ASP A 451 5.52 -13.05 -2.82
CA ASP A 451 5.28 -12.39 -4.10
C ASP A 451 4.17 -11.34 -3.93
N ASN A 452 3.18 -11.62 -3.07
CA ASN A 452 2.12 -10.67 -2.77
C ASN A 452 2.68 -9.40 -2.10
N LEU A 453 3.50 -9.57 -1.08
CA LEU A 453 4.06 -8.43 -0.36
C LEU A 453 5.12 -7.69 -1.14
N ALA A 454 5.98 -8.41 -1.87
CA ALA A 454 6.96 -7.75 -2.75
C ALA A 454 6.35 -6.89 -3.84
N ASP A 455 5.22 -7.34 -4.39
CA ASP A 455 4.56 -6.59 -5.43
C ASP A 455 4.04 -5.21 -4.99
N LEU A 456 3.67 -5.12 -3.72
CA LEU A 456 3.25 -3.86 -3.17
C LEU A 456 4.32 -2.78 -3.16
N VAL A 457 5.56 -3.14 -3.11
CA VAL A 457 6.63 -2.14 -3.16
C VAL A 457 6.53 -1.32 -4.45
N PHE A 458 6.41 -2.00 -5.60
CA PHE A 458 6.44 -1.29 -6.90
C PHE A 458 5.14 -0.52 -7.10
N GLY A 459 4.10 -0.93 -6.39
CA GLY A 459 2.89 -0.09 -6.30
C GLY A 459 3.07 1.24 -5.61
N GLU A 460 3.85 1.24 -4.53
CA GLU A 460 4.26 2.47 -3.84
C GLU A 460 5.12 3.37 -4.75
N LEU A 461 6.08 2.75 -5.41
CA LEU A 461 7.01 3.42 -6.30
C LEU A 461 6.35 4.11 -7.50
N CYS A 462 5.39 3.43 -8.10
CA CYS A 462 4.82 3.88 -9.35
C CYS A 462 3.79 4.97 -9.23
N GLY A 463 3.28 5.21 -8.02
CA GLY A 463 2.41 6.35 -7.77
C GLY A 463 0.96 5.94 -7.66
N VAL A 464 0.21 6.73 -6.89
CA VAL A 464 -1.22 6.54 -6.72
C VAL A 464 -2.04 7.44 -7.61
N ASN A 465 -1.90 8.76 -7.42
CA ASN A 465 -2.66 9.74 -8.15
C ASN A 465 -1.78 10.51 -9.14
N GLU A 466 -0.63 9.97 -9.48
CA GLU A 466 0.24 10.58 -10.50
C GLU A 466 0.86 9.46 -11.35
N ASN A 467 1.20 9.80 -12.59
CA ASN A 467 2.08 8.98 -13.39
C ASN A 467 3.43 9.62 -13.17
N ARG A 468 4.29 8.95 -12.42
CA ARG A 468 5.54 9.61 -12.04
C ARG A 468 6.52 9.52 -13.20
N THR A 469 7.46 10.44 -13.25
CA THR A 469 8.46 10.43 -14.28
C THR A 469 9.80 10.34 -13.52
N ILE A 470 10.28 9.11 -13.34
CA ILE A 470 11.50 8.86 -12.63
C ILE A 470 12.70 8.78 -13.56
N ASN A 471 12.72 7.77 -14.41
CA ASN A 471 13.62 7.69 -15.53
C ASN A 471 12.96 6.76 -16.52
N PRO A 472 13.46 6.76 -17.81
CA PRO A 472 12.67 6.08 -18.81
C PRO A 472 12.49 4.58 -18.55
N ALA A 473 13.51 3.90 -18.04
CA ALA A 473 13.43 2.45 -17.81
C ALA A 473 12.45 2.10 -16.66
N VAL A 474 12.52 2.84 -15.58
CA VAL A 474 11.56 2.71 -14.45
C VAL A 474 10.12 3.03 -14.90
N ASP A 475 9.96 4.13 -15.66
CA ASP A 475 8.64 4.58 -16.12
C ASP A 475 8.01 3.53 -17.03
N HIS A 476 8.85 2.90 -17.87
CA HIS A 476 8.41 1.79 -18.73
C HIS A 476 7.86 0.65 -17.83
N CYS A 477 8.60 0.25 -16.80
CA CYS A 477 8.13 -0.79 -15.93
C CYS A 477 6.85 -0.42 -15.17
N CYS A 478 6.72 0.84 -14.76
CA CYS A 478 5.53 1.28 -14.07
C CYS A 478 4.28 1.26 -14.93
N LYS A 479 4.41 1.54 -16.22
CA LYS A 479 3.21 1.81 -17.01
C LYS A 479 2.79 0.67 -17.95
N THR A 480 3.66 -0.33 -18.13
N THR A 480 3.64 -0.33 -18.15
CA THR A 480 3.43 -1.41 -19.05
CA THR A 480 3.44 -1.26 -19.26
C THR A 480 3.46 -2.71 -18.27
C THR A 480 2.47 -2.37 -18.93
N ASN A 481 2.24 -3.13 -17.92
N ASN A 481 2.57 -3.00 -17.75
CA ASN A 481 1.86 -4.51 -17.61
CA ASN A 481 1.80 -4.23 -17.60
C ASN A 481 1.88 -4.70 -16.10
C ASN A 481 1.78 -4.91 -16.22
N PHE A 482 0.69 -4.65 -15.51
CA PHE A 482 0.55 -4.79 -14.10
C PHE A 482 1.11 -6.09 -13.54
N ALA A 483 0.68 -7.20 -14.13
CA ALA A 483 1.08 -8.51 -13.64
C ALA A 483 2.59 -8.80 -13.77
N PHE A 484 3.22 -8.26 -14.80
CA PHE A 484 4.65 -8.46 -15.08
C PHE A 484 5.54 -7.29 -14.62
N ARG A 485 4.98 -6.41 -13.80
CA ARG A 485 5.75 -5.29 -13.26
C ARG A 485 6.98 -5.70 -12.40
N ARG A 486 6.82 -6.66 -11.48
CA ARG A 486 7.94 -7.10 -10.66
C ARG A 486 9.06 -7.76 -11.52
N PRO A 487 8.73 -8.74 -12.37
CA PRO A 487 9.73 -9.23 -13.34
C PRO A 487 10.43 -8.13 -14.21
N CYS A 488 9.69 -7.12 -14.63
CA CYS A 488 10.23 -5.99 -15.37
C CYS A 488 11.31 -5.22 -14.56
N PHE A 489 10.94 -4.83 -13.34
CA PHE A 489 11.86 -4.19 -12.40
C PHE A 489 13.14 -4.99 -12.13
N GLU A 490 12.99 -6.32 -12.00
CA GLU A 490 14.12 -7.25 -11.83
C GLU A 490 15.08 -7.29 -13.02
N SER A 491 14.61 -6.93 -14.20
CA SER A 491 15.44 -6.89 -15.37
C SER A 491 16.25 -5.59 -15.58
N LEU A 492 15.99 -4.54 -14.81
CA LEU A 492 16.58 -3.23 -15.05
C LEU A 492 18.05 -3.17 -14.69
N LYS A 493 18.79 -2.37 -15.43
CA LYS A 493 20.19 -2.13 -15.13
C LYS A 493 20.28 -0.72 -14.54
N ALA A 494 21.44 -0.39 -13.99
CA ALA A 494 21.67 0.94 -13.41
C ALA A 494 21.35 2.05 -14.43
N ASP A 495 20.85 3.19 -13.96
CA ASP A 495 20.69 4.32 -14.87
C ASP A 495 22.03 5.04 -15.07
N LYS A 496 22.72 4.74 -16.14
CA LYS A 496 24.08 5.32 -16.29
C LYS A 496 24.14 6.78 -16.73
N THR A 497 23.01 7.40 -16.99
CA THR A 497 22.96 8.83 -17.30
C THR A 497 22.96 9.72 -16.04
N TYR A 498 22.74 9.11 -14.87
CA TYR A 498 22.59 9.86 -13.66
C TYR A 498 23.89 10.55 -13.24
N VAL A 499 23.77 11.80 -12.83
CA VAL A 499 24.83 12.56 -12.17
C VAL A 499 24.27 13.19 -10.90
N PRO A 500 24.85 12.88 -9.73
CA PRO A 500 24.29 13.34 -8.44
C PRO A 500 24.52 14.84 -8.25
N PRO A 501 23.73 15.50 -7.39
CA PRO A 501 24.14 16.81 -6.90
C PRO A 501 25.37 16.66 -5.98
N PRO A 502 25.97 17.79 -5.55
CA PRO A 502 26.99 17.67 -4.51
C PRO A 502 26.33 17.15 -3.25
N PHE A 503 27.10 16.47 -2.43
CA PHE A 503 26.67 16.04 -1.14
C PHE A 503 27.63 16.62 -0.08
N SER A 504 27.12 17.14 1.01
CA SER A 504 28.10 17.56 2.04
C SER A 504 28.79 16.39 2.76
N GLN A 505 30.00 16.68 3.26
CA GLN A 505 30.77 15.70 3.99
C GLN A 505 30.05 15.26 5.25
N ASP A 506 29.21 16.10 5.83
CA ASP A 506 28.42 15.71 6.99
C ASP A 506 27.44 14.58 6.79
N LEU A 507 26.99 14.33 5.55
CA LEU A 507 26.11 13.17 5.27
C LEU A 507 26.85 11.87 5.51
N PHE A 508 28.18 11.92 5.48
CA PHE A 508 28.97 10.71 5.58
C PHE A 508 29.80 10.68 6.87
N THR A 509 29.42 11.52 7.82
CA THR A 509 30.14 11.64 9.08
C THR A 509 29.31 10.99 10.15
N PHE A 510 29.93 10.12 10.91
CA PHE A 510 29.31 9.51 12.05
C PHE A 510 29.55 10.43 13.25
N HIS A 511 28.48 10.70 13.98
CA HIS A 511 28.53 11.53 15.19
C HIS A 511 28.37 10.65 16.42
N ALA A 512 28.94 11.13 17.53
CA ALA A 512 29.08 10.37 18.78
C ALA A 512 27.75 9.94 19.41
N ASP A 513 26.74 10.81 19.31
CA ASP A 513 25.37 10.50 19.80
C ASP A 513 24.74 9.23 19.21
N MET A 514 25.15 8.86 17.99
CA MET A 514 24.63 7.66 17.30
C MET A 514 25.14 6.33 17.88
N CYS A 515 26.16 6.34 18.75
CA CYS A 515 26.64 5.11 19.43
C CYS A 515 25.67 4.66 20.51
N GLN A 516 25.00 3.52 20.26
CA GLN A 516 23.96 2.98 21.16
C GLN A 516 23.30 1.74 20.54
N SER A 517 22.41 1.10 21.31
CA SER A 517 21.47 0.11 20.79
C SER A 517 20.15 0.81 20.54
N GLN A 518 19.69 0.82 19.29
CA GLN A 518 18.41 1.43 18.93
C GLN A 518 17.62 0.60 17.93
N ASN A 519 16.33 0.88 17.83
CA ASN A 519 15.42 0.15 16.95
C ASN A 519 15.53 0.64 15.51
N GLU A 520 14.95 1.80 15.24
CA GLU A 520 14.66 2.22 13.84
C GLU A 520 15.28 3.53 13.38
N GLU A 521 15.36 4.54 14.24
CA GLU A 521 16.03 5.80 13.89
C GLU A 521 17.54 5.62 13.60
N LEU A 522 18.22 4.75 14.35
CA LEU A 522 19.61 4.41 14.06
C LEU A 522 19.73 3.48 12.86
N GLN A 523 18.76 2.60 12.69
CA GLN A 523 18.67 1.81 11.49
C GLN A 523 18.51 2.74 10.26
N ARG A 524 17.60 3.72 10.37
CA ARG A 524 17.28 4.62 9.27
C ARG A 524 18.48 5.49 8.86
N LYS A 525 19.26 5.93 9.84
CA LYS A 525 20.51 6.67 9.59
C LYS A 525 21.56 5.89 8.82
N THR A 526 21.77 4.65 9.22
CA THR A 526 22.64 3.74 8.48
C THR A 526 22.15 3.54 7.01
N ASP A 527 20.83 3.38 6.88
CA ASP A 527 20.20 3.15 5.59
C ASP A 527 20.38 4.37 4.68
N ARG A 528 20.23 5.56 5.25
CA ARG A 528 20.42 6.79 4.48
C ARG A 528 21.83 6.99 4.04
N PHE A 529 22.76 6.64 4.92
CA PHE A 529 24.19 6.68 4.57
C PHE A 529 24.51 5.84 3.33
N LEU A 530 24.02 4.60 3.34
CA LEU A 530 24.27 3.69 2.21
C LEU A 530 23.70 4.21 0.89
N VAL A 531 22.46 4.72 0.95
CA VAL A 531 21.82 5.24 -0.21
C VAL A 531 22.60 6.45 -0.75
N ASN A 532 22.91 7.40 0.12
CA ASN A 532 23.72 8.58 -0.29
C ASN A 532 25.09 8.17 -0.87
N LEU A 533 25.72 7.17 -0.26
CA LEU A 533 26.98 6.64 -0.77
C LEU A 533 26.87 6.09 -2.20
N VAL A 534 25.78 5.36 -2.46
CA VAL A 534 25.53 4.75 -3.75
C VAL A 534 25.27 5.86 -4.78
N LYS A 535 24.54 6.91 -4.42
CA LYS A 535 24.33 8.07 -5.33
C LYS A 535 25.67 8.70 -5.62
N LEU A 536 26.43 8.93 -4.57
CA LEU A 536 27.73 9.61 -4.72
C LEU A 536 28.70 8.81 -5.65
N LYS A 537 28.75 7.51 -5.44
CA LYS A 537 29.66 6.59 -6.11
C LYS A 537 28.91 5.61 -7.04
N HIS A 538 27.89 6.12 -7.72
N HIS A 538 27.93 6.16 -7.79
CA HIS A 538 27.06 5.33 -8.65
CA HIS A 538 26.99 5.42 -8.66
C HIS A 538 27.85 4.55 -9.72
C HIS A 538 27.65 4.59 -9.77
N GLU A 539 29.00 5.10 -10.12
N GLU A 539 28.87 4.95 -10.15
CA GLU A 539 29.90 4.45 -11.09
CA GLU A 539 29.63 4.23 -11.18
C GLU A 539 30.48 3.10 -10.62
C GLU A 539 30.51 3.07 -10.65
N LEU A 540 30.70 2.96 -9.32
CA LEU A 540 31.25 1.74 -8.73
C LEU A 540 30.32 0.53 -8.88
N THR A 541 30.91 -0.67 -8.92
CA THR A 541 30.11 -1.90 -8.98
C THR A 541 29.40 -2.12 -7.64
N ASP A 542 28.31 -2.88 -7.66
CA ASP A 542 27.62 -3.28 -6.45
C ASP A 542 28.58 -3.90 -5.38
N GLU A 543 29.48 -4.77 -5.83
CA GLU A 543 30.47 -5.40 -4.94
C GLU A 543 31.42 -4.37 -4.30
N GLU A 544 31.98 -3.44 -5.09
CA GLU A 544 32.78 -2.36 -4.55
C GLU A 544 32.04 -1.49 -3.53
N LEU A 545 30.75 -1.20 -3.81
CA LEU A 545 29.93 -0.43 -2.88
C LEU A 545 29.68 -1.20 -1.59
N GLN A 546 29.37 -2.47 -1.70
CA GLN A 546 29.16 -3.34 -0.54
C GLN A 546 30.46 -3.40 0.31
N SER A 547 31.60 -3.52 -0.37
CA SER A 547 32.88 -3.55 0.34
C SER A 547 33.17 -2.26 1.09
N LEU A 548 32.97 -1.12 0.45
CA LEU A 548 33.17 0.15 1.07
C LEU A 548 32.25 0.37 2.26
N PHE A 549 30.98 0.02 2.08
CA PHE A 549 30.01 0.11 3.15
C PHE A 549 30.41 -0.74 4.36
N THR A 550 30.86 -1.97 4.11
CA THR A 550 31.27 -2.82 5.23
C THR A 550 32.55 -2.29 5.89
N ASN A 551 33.41 -1.60 5.15
CA ASN A 551 34.56 -0.90 5.76
C ASN A 551 34.08 0.17 6.80
N PHE A 552 33.20 1.07 6.35
CA PHE A 552 32.59 2.07 7.20
C PHE A 552 31.90 1.43 8.41
N ALA A 553 31.19 0.32 8.18
CA ALA A 553 30.47 -0.39 9.25
C ALA A 553 31.41 -0.94 10.32
N ASN A 554 32.48 -1.59 9.86
CA ASN A 554 33.49 -2.06 10.77
C ASN A 554 34.09 -0.91 11.59
N VAL A 555 34.42 0.21 10.97
CA VAL A 555 34.98 1.37 11.66
C VAL A 555 34.01 1.93 12.73
N VAL A 556 32.74 2.09 12.37
CA VAL A 556 31.67 2.46 13.32
C VAL A 556 31.58 1.55 14.54
N ASP A 557 31.60 0.25 14.29
CA ASP A 557 31.53 -0.71 15.38
C ASP A 557 32.69 -0.57 16.38
N LYS A 558 33.89 -0.33 15.87
CA LYS A 558 35.09 -0.21 16.70
C LYS A 558 35.02 1.08 17.47
N CYS A 559 34.76 2.17 16.77
CA CYS A 559 34.85 3.50 17.36
C CYS A 559 33.81 3.77 18.46
N CYS A 560 32.66 3.12 18.39
CA CYS A 560 31.71 3.16 19.51
C CYS A 560 32.33 2.57 20.78
N LYS A 561 33.10 1.50 20.61
CA LYS A 561 33.86 0.88 21.69
C LYS A 561 35.22 1.58 21.82
N ALA A 562 35.23 2.88 22.11
CA ALA A 562 36.49 3.67 22.15
C ALA A 562 36.60 4.87 23.11
N GLU A 563 35.48 5.47 23.51
CA GLU A 563 35.44 6.77 24.25
C GLU A 563 36.01 7.93 23.38
N SER A 564 35.22 8.99 23.25
CA SER A 564 35.32 9.94 22.13
C SER A 564 35.25 9.20 20.79
N PRO A 565 34.06 8.66 20.45
CA PRO A 565 33.94 7.89 19.21
C PRO A 565 34.14 8.65 17.89
N GLU A 566 33.87 9.95 17.87
CA GLU A 566 33.87 10.71 16.61
C GLU A 566 35.26 11.07 16.08
N VAL A 567 36.19 11.40 16.98
CA VAL A 567 37.59 11.51 16.59
C VAL A 567 38.12 10.19 16.04
N CYS A 568 37.67 9.07 16.61
CA CYS A 568 38.09 7.73 16.17
C CYS A 568 37.63 7.53 14.73
N PHE A 569 36.35 7.86 14.47
CA PHE A 569 35.76 7.69 13.15
C PHE A 569 36.49 8.45 12.05
N ASN A 570 36.76 9.74 12.29
CA ASN A 570 37.45 10.58 11.31
C ASN A 570 38.90 10.16 11.04
N GLU A 571 39.61 9.63 12.02
CA GLU A 571 40.95 9.07 11.74
C GLU A 571 40.95 7.67 11.11
N GLU A 572 39.94 6.85 11.40
CA GLU A 572 39.91 5.45 10.92
C GLU A 572 38.98 5.15 9.75
N SER A 573 38.01 6.02 9.44
CA SER A 573 37.06 5.72 8.37
C SER A 573 37.74 5.78 6.99
N PRO A 574 37.19 5.08 6.01
CA PRO A 574 37.77 5.26 4.68
C PRO A 574 37.48 6.65 4.13
N LYS A 575 38.36 7.14 3.26
CA LYS A 575 38.13 8.41 2.58
C LYS A 575 37.34 8.11 1.32
N ILE A 576 36.36 8.96 1.02
CA ILE A 576 35.58 8.83 -0.22
C ILE A 576 35.67 10.05 -1.15
N GLY A 577 36.59 10.97 -0.81
CA GLY A 577 36.73 12.20 -1.57
C GLY A 577 37.81 12.09 -2.63
N ASN A 578 37.63 12.84 -3.72
CA ASN A 578 38.71 13.11 -4.65
C ASN A 578 39.68 14.04 -3.94
N LYS A 579 40.94 13.97 -4.34
CA LYS A 579 42.09 14.57 -3.61
C LYS A 579 41.89 15.95 -2.92
N GLY A 580 41.15 16.86 -3.56
CA GLY A 580 40.99 18.23 -3.06
C GLY A 580 39.66 18.57 -2.40
N GLU A 581 38.92 17.55 -1.96
CA GLU A 581 37.56 17.75 -1.46
C GLU A 581 37.49 17.74 0.07
N ASN A 582 37.18 18.89 0.68
CA ASN A 582 36.99 18.98 2.14
C ASN A 582 35.54 19.14 2.65
N LEU A 583 34.74 20.06 2.10
N LEU A 583 34.78 20.01 2.00
CA LEU A 583 33.33 20.25 2.59
CA LEU A 583 33.43 20.40 2.42
C LEU A 583 32.26 19.53 1.78
C LEU A 583 32.29 19.65 1.76
N TYR A 584 32.49 19.32 0.47
CA TYR A 584 31.50 18.58 -0.37
C TYR A 584 32.17 17.50 -1.18
N PHE A 585 31.40 16.45 -1.50
CA PHE A 585 31.82 15.38 -2.38
C PHE A 585 30.98 15.48 -3.64
N GLN A 586 31.64 15.36 -4.80
CA GLN A 586 30.97 15.35 -6.09
C GLN A 586 31.39 14.13 -6.89
#